data_3PG7
#
_entry.id   3PG7
#
_cell.length_a   113.440
_cell.length_b   113.440
_cell.length_c   124.490
_cell.angle_alpha   90.00
_cell.angle_beta   90.00
_cell.angle_gamma   90.00
#
_symmetry.space_group_name_H-M   'P 41 21 2'
#
loop_
_entity.id
_entity.type
_entity.pdbx_description
1 polymer Neurofibromin
2 non-polymer PHOSPHATIDYLETHANOLAMINE
3 non-polymer 'PYROPHOSPHATE 2-'
4 water water
#
_entity_poly.entity_id   1
_entity_poly.type   'polypeptide(L)'
_entity_poly.pdbx_seq_one_letter_code
;KEEFKALKTLSIFYQAGTSKAGNPIFYYVARRFKTGQINGDLLIYHVLLTLKPYYAKPYEIVVDLTHTGPSNRFKTDFLS
KWFVVFPGFAYDNVSAVYIYNCNSWVREYTKYHERLLTGLKGSKRLVFIDCPGKLAEHIEHEQQKLPAATLALEEDLKVF
HNALKLAHKDTKVSIKVGSTAVQVTSAERTVLGQSVFLNDIYYASEIEEICLVDENQFTLTIANQGTPLTFMHQECEAIV
QSIIHIRTRWELSQPD
;
_entity_poly.pdbx_strand_id   A,B
#
# COMPACT_ATOMS: atom_id res chain seq x y z
N LYS A 1 28.80 6.69 -10.99
CA LYS A 1 29.42 6.16 -9.77
C LYS A 1 28.40 5.54 -8.83
N GLU A 2 28.14 6.22 -7.71
CA GLU A 2 27.27 5.70 -6.66
C GLU A 2 25.84 5.48 -7.14
N GLU A 3 25.45 6.18 -8.20
CA GLU A 3 24.10 6.05 -8.74
C GLU A 3 23.95 4.78 -9.56
N PHE A 4 25.07 4.10 -9.81
CA PHE A 4 25.05 2.87 -10.60
C PHE A 4 24.90 1.64 -9.71
N LYS A 5 25.42 1.72 -8.50
CA LYS A 5 25.25 0.66 -7.52
C LYS A 5 23.78 0.57 -7.11
N ALA A 6 23.00 1.53 -7.59
CA ALA A 6 21.59 1.63 -7.24
C ALA A 6 20.71 0.70 -8.07
N LEU A 7 21.14 0.45 -9.31
CA LEU A 7 20.40 -0.44 -10.20
C LEU A 7 20.44 -1.87 -9.69
N LYS A 8 21.57 -2.25 -9.11
CA LYS A 8 21.75 -3.59 -8.56
C LYS A 8 20.88 -3.77 -7.32
N THR A 9 20.39 -2.66 -6.78
CA THR A 9 19.49 -2.69 -5.64
C THR A 9 18.05 -2.84 -6.11
N LEU A 10 17.80 -2.41 -7.34
CA LEU A 10 16.48 -2.52 -7.95
C LEU A 10 16.23 -3.96 -8.41
N SER A 11 17.30 -4.62 -8.85
CA SER A 11 17.21 -5.98 -9.37
C SER A 11 16.15 -6.12 -10.45
N ILE A 12 16.30 -5.39 -11.54
CA ILE A 12 15.40 -5.54 -12.67
C ILE A 12 15.95 -6.67 -13.54
N PHE A 13 17.22 -6.99 -13.31
CA PHE A 13 17.89 -8.08 -14.02
C PHE A 13 18.74 -8.87 -13.03
N TYR A 14 18.48 -10.17 -12.90
CA TYR A 14 19.25 -11.00 -11.99
C TYR A 14 19.39 -12.44 -12.48
N GLN A 15 20.54 -13.05 -12.21
CA GLN A 15 20.76 -14.45 -12.53
C GLN A 15 20.14 -15.32 -11.44
N ALA A 16 19.56 -16.45 -11.85
CA ALA A 16 18.94 -17.36 -10.90
C ALA A 16 18.56 -18.68 -11.56
N GLY A 17 19.34 -19.71 -11.29
CA GLY A 17 18.98 -21.05 -11.73
C GLY A 17 19.57 -21.49 -13.05
N THR A 18 19.31 -22.76 -13.37
CA THR A 18 19.84 -23.39 -14.56
C THR A 18 18.69 -24.13 -15.24
N SER A 19 18.62 -24.03 -16.57
CA SER A 19 17.49 -24.61 -17.31
C SER A 19 17.66 -26.12 -17.40
N LYS A 20 16.64 -26.79 -17.95
CA LYS A 20 16.71 -28.23 -18.13
C LYS A 20 17.57 -28.61 -19.34
N ALA A 21 18.17 -27.60 -19.97
CA ALA A 21 19.14 -27.82 -21.04
C ALA A 21 20.54 -27.46 -20.55
N GLY A 22 20.67 -27.23 -19.25
CA GLY A 22 21.96 -26.97 -18.64
C GLY A 22 22.55 -25.60 -18.92
N ASN A 23 21.70 -24.58 -19.02
CA ASN A 23 22.15 -23.21 -19.27
C ASN A 23 21.76 -22.26 -18.13
N PRO A 24 22.59 -21.23 -17.89
CA PRO A 24 22.29 -20.28 -16.83
C PRO A 24 21.02 -19.50 -17.21
N ILE A 25 20.23 -19.11 -16.22
CA ILE A 25 19.00 -18.39 -16.50
C ILE A 25 19.05 -16.98 -15.92
N PHE A 26 18.53 -16.02 -16.68
CA PHE A 26 18.51 -14.62 -16.26
C PHE A 26 17.10 -14.07 -16.34
N TYR A 27 16.73 -13.28 -15.34
CA TYR A 27 15.39 -12.69 -15.29
C TYR A 27 15.42 -11.20 -15.57
N TYR A 28 14.59 -10.76 -16.50
CA TYR A 28 14.31 -9.33 -16.64
C TYR A 28 12.93 -9.08 -16.07
N VAL A 29 12.84 -8.21 -15.07
CA VAL A 29 11.56 -7.89 -14.46
C VAL A 29 11.11 -6.52 -14.94
N ALA A 30 10.38 -6.52 -16.04
CA ALA A 30 10.02 -5.30 -16.77
C ALA A 30 9.45 -4.17 -15.91
N ARG A 31 8.59 -4.50 -14.95
CA ARG A 31 7.89 -3.47 -14.19
C ARG A 31 8.80 -2.70 -13.24
N ARG A 32 10.00 -3.21 -13.02
CA ARG A 32 10.94 -2.59 -12.09
C ARG A 32 11.78 -1.50 -12.76
N PHE A 33 11.76 -1.48 -14.09
CA PHE A 33 12.37 -0.39 -14.82
C PHE A 33 11.33 0.70 -15.05
N LYS A 34 11.62 1.91 -14.59
CA LYS A 34 10.73 3.04 -14.81
C LYS A 34 11.42 4.00 -15.76
N THR A 35 10.89 4.11 -16.98
CA THR A 35 11.45 5.01 -17.98
C THR A 35 11.47 6.44 -17.46
N GLY A 36 12.63 7.08 -17.57
CA GLY A 36 12.80 8.46 -17.13
C GLY A 36 13.35 8.58 -15.72
N GLN A 37 13.47 7.46 -15.02
CA GLN A 37 13.95 7.46 -13.64
C GLN A 37 15.37 6.94 -13.54
N ILE A 38 15.67 5.91 -14.33
CA ILE A 38 17.00 5.35 -14.37
C ILE A 38 17.61 5.64 -15.73
N ASN A 39 18.91 5.91 -15.76
CA ASN A 39 19.59 6.11 -17.02
C ASN A 39 19.59 4.81 -17.82
N GLY A 40 18.94 4.84 -18.99
CA GLY A 40 18.89 3.67 -19.84
C GLY A 40 20.26 3.03 -19.95
N ASP A 41 21.23 3.81 -20.41
CA ASP A 41 22.61 3.34 -20.57
C ASP A 41 23.11 2.60 -19.34
N LEU A 42 22.75 3.09 -18.16
CA LEU A 42 23.15 2.45 -16.91
C LEU A 42 22.56 1.05 -16.81
N LEU A 43 21.25 0.94 -16.99
CA LEU A 43 20.57 -0.35 -16.96
C LEU A 43 21.20 -1.31 -17.95
N ILE A 44 21.40 -0.85 -19.18
CA ILE A 44 22.04 -1.68 -20.20
C ILE A 44 23.40 -2.17 -19.74
N TYR A 45 24.23 -1.25 -19.26
CA TYR A 45 25.56 -1.59 -18.78
C TYR A 45 25.47 -2.65 -17.69
N HIS A 46 24.53 -2.49 -16.77
CA HIS A 46 24.34 -3.46 -15.69
C HIS A 46 23.97 -4.82 -16.24
N VAL A 47 23.16 -4.84 -17.28
CA VAL A 47 22.78 -6.09 -17.94
C VAL A 47 23.99 -6.69 -18.64
N LEU A 48 24.85 -5.84 -19.17
CA LEU A 48 26.07 -6.31 -19.83
C LEU A 48 27.01 -6.93 -18.82
N LEU A 49 27.33 -6.17 -17.77
CA LEU A 49 28.25 -6.63 -16.74
C LEU A 49 27.65 -7.79 -15.93
N THR A 50 26.40 -8.12 -16.22
CA THR A 50 25.78 -9.31 -15.63
C THR A 50 25.95 -10.50 -16.58
N LEU A 51 25.89 -10.23 -17.87
CA LEU A 51 25.98 -11.27 -18.88
C LEU A 51 27.42 -11.55 -19.30
N LYS A 52 28.31 -10.58 -19.08
CA LYS A 52 29.71 -10.70 -19.50
C LYS A 52 30.34 -12.03 -19.15
N PRO A 53 30.23 -12.45 -17.87
CA PRO A 53 30.87 -13.70 -17.46
C PRO A 53 30.18 -14.95 -18.02
N TYR A 54 29.14 -14.78 -18.83
CA TYR A 54 28.35 -15.92 -19.29
C TYR A 54 28.00 -15.92 -20.78
N TYR A 55 27.88 -14.73 -21.37
CA TYR A 55 27.28 -14.64 -22.70
C TYR A 55 28.14 -15.17 -23.84
N ALA A 56 29.31 -15.72 -23.51
CA ALA A 56 30.13 -16.42 -24.47
C ALA A 56 29.56 -17.82 -24.70
N LYS A 57 28.91 -18.36 -23.67
CA LYS A 57 28.27 -19.66 -23.76
C LYS A 57 26.75 -19.50 -23.78
N PRO A 58 26.02 -20.55 -24.16
CA PRO A 58 24.55 -20.48 -24.24
C PRO A 58 23.92 -20.05 -22.92
N TYR A 59 22.82 -19.30 -23.00
CA TYR A 59 22.10 -18.90 -21.80
C TYR A 59 20.64 -18.56 -22.11
N GLU A 60 19.82 -18.51 -21.06
CA GLU A 60 18.39 -18.28 -21.24
C GLU A 60 17.88 -17.10 -20.43
N ILE A 61 16.85 -16.46 -20.95
CA ILE A 61 16.27 -15.29 -20.34
C ILE A 61 14.82 -15.56 -19.98
N VAL A 62 14.42 -15.12 -18.79
CA VAL A 62 13.01 -15.07 -18.45
C VAL A 62 12.60 -13.61 -18.36
N VAL A 63 11.68 -13.20 -19.23
CA VAL A 63 11.16 -11.85 -19.19
C VAL A 63 9.81 -11.84 -18.47
N ASP A 64 9.81 -11.28 -17.27
CA ASP A 64 8.59 -11.20 -16.48
C ASP A 64 7.91 -9.89 -16.83
N LEU A 65 6.78 -9.99 -17.54
CA LEU A 65 6.05 -8.82 -18.01
C LEU A 65 4.86 -8.50 -17.11
N THR A 66 4.77 -9.21 -15.99
CA THR A 66 3.73 -8.96 -15.00
C THR A 66 3.56 -7.46 -14.81
N HIS A 67 2.35 -6.97 -15.05
CA HIS A 67 1.97 -5.60 -14.74
C HIS A 67 2.81 -4.53 -15.46
N THR A 68 3.38 -4.88 -16.62
CA THR A 68 4.16 -3.93 -17.38
C THR A 68 3.27 -2.96 -18.12
N GLY A 69 3.54 -1.67 -17.97
CA GLY A 69 2.75 -0.63 -18.63
C GLY A 69 3.61 0.47 -19.24
N PRO A 70 2.99 1.57 -19.68
CA PRO A 70 3.69 2.71 -20.30
C PRO A 70 4.89 3.17 -19.47
N SER A 71 4.74 3.13 -18.15
CA SER A 71 5.79 3.64 -17.27
C SER A 71 7.05 2.78 -17.29
N ASN A 72 6.96 1.61 -17.92
CA ASN A 72 8.07 0.66 -17.98
C ASN A 72 8.65 0.53 -19.39
N ARG A 73 8.14 1.34 -20.31
CA ARG A 73 8.45 1.16 -21.72
C ARG A 73 9.90 1.52 -22.10
N PHE A 74 10.37 0.95 -23.20
CA PHE A 74 11.60 1.41 -23.82
C PHE A 74 11.24 2.42 -24.89
N LYS A 75 11.72 3.65 -24.76
CA LYS A 75 11.52 4.67 -25.78
C LYS A 75 12.18 4.21 -27.08
N THR A 76 11.68 4.70 -28.21
CA THR A 76 12.16 4.27 -29.52
C THR A 76 13.68 4.17 -29.62
N ASP A 77 14.36 5.25 -29.26
CA ASP A 77 15.82 5.30 -29.34
C ASP A 77 16.47 4.33 -28.35
N PHE A 78 15.82 4.11 -27.22
CA PHE A 78 16.32 3.14 -26.26
C PHE A 78 16.07 1.71 -26.76
N LEU A 79 14.87 1.47 -27.27
CA LEU A 79 14.54 0.15 -27.80
C LEU A 79 15.59 -0.33 -28.81
N SER A 80 15.73 0.40 -29.91
CA SER A 80 16.66 -0.02 -30.96
C SER A 80 18.08 -0.18 -30.43
N LYS A 81 18.46 0.66 -29.47
CA LYS A 81 19.80 0.58 -28.89
C LYS A 81 20.11 -0.78 -28.27
N TRP A 82 19.07 -1.52 -27.90
CA TRP A 82 19.24 -2.84 -27.32
C TRP A 82 19.71 -3.86 -28.35
N PHE A 83 19.38 -3.63 -29.60
CA PHE A 83 19.70 -4.58 -30.67
C PHE A 83 21.07 -4.35 -31.31
N VAL A 84 21.87 -3.45 -30.75
CA VAL A 84 23.17 -3.13 -31.35
C VAL A 84 24.30 -3.06 -30.32
N VAL A 85 23.95 -2.89 -29.06
CA VAL A 85 24.94 -2.69 -28.00
C VAL A 85 25.77 -3.95 -27.72
N PHE A 86 25.15 -5.11 -27.89
CA PHE A 86 25.82 -6.36 -27.55
C PHE A 86 26.67 -6.91 -28.67
N PRO A 87 27.63 -7.78 -28.33
CA PRO A 87 28.38 -8.52 -29.34
C PRO A 87 27.43 -9.45 -30.09
N GLY A 88 27.65 -9.62 -31.38
CA GLY A 88 26.76 -10.44 -32.20
C GLY A 88 26.50 -11.81 -31.62
N PHE A 89 27.54 -12.42 -31.05
CA PHE A 89 27.42 -13.78 -30.51
C PHE A 89 26.55 -13.84 -29.26
N ALA A 90 26.50 -12.75 -28.50
CA ALA A 90 25.67 -12.68 -27.31
C ALA A 90 24.20 -12.84 -27.67
N TYR A 91 23.80 -12.24 -28.79
CA TYR A 91 22.45 -12.40 -29.30
C TYR A 91 22.24 -13.84 -29.74
N ASP A 92 23.25 -14.41 -30.39
CA ASP A 92 23.17 -15.76 -30.94
C ASP A 92 23.09 -16.81 -29.84
N ASN A 93 23.72 -16.54 -28.69
CA ASN A 93 23.80 -17.53 -27.62
C ASN A 93 22.59 -17.57 -26.70
N VAL A 94 21.55 -16.80 -27.03
CA VAL A 94 20.27 -16.94 -26.34
C VAL A 94 19.58 -18.12 -27.00
N SER A 95 19.34 -19.18 -26.24
CA SER A 95 18.67 -20.35 -26.78
C SER A 95 17.18 -20.31 -26.51
N ALA A 96 16.77 -19.55 -25.49
CA ALA A 96 15.37 -19.45 -25.13
C ALA A 96 15.05 -18.15 -24.39
N VAL A 97 13.98 -17.48 -24.81
CA VAL A 97 13.43 -16.36 -24.05
C VAL A 97 12.02 -16.71 -23.61
N TYR A 98 11.85 -16.95 -22.32
CA TYR A 98 10.55 -17.26 -21.76
C TYR A 98 9.81 -15.99 -21.38
N ILE A 99 8.64 -15.80 -21.98
CA ILE A 99 7.88 -14.58 -21.77
C ILE A 99 6.67 -14.83 -20.89
N TYR A 100 6.65 -14.16 -19.75
CA TYR A 100 5.70 -14.45 -18.69
C TYR A 100 4.74 -13.29 -18.45
N ASN A 101 3.43 -13.60 -18.42
CA ASN A 101 2.41 -12.59 -18.18
C ASN A 101 2.44 -11.43 -19.16
N CYS A 102 2.65 -11.72 -20.44
CA CYS A 102 2.50 -10.70 -21.46
C CYS A 102 1.07 -10.16 -21.33
N ASN A 103 0.87 -8.87 -21.62
CA ASN A 103 -0.46 -8.27 -21.45
C ASN A 103 -0.88 -7.43 -22.65
N SER A 104 -2.06 -6.84 -22.55
CA SER A 104 -2.64 -6.06 -23.65
C SER A 104 -1.78 -4.86 -24.01
N TRP A 105 -1.25 -4.18 -23.01
CA TRP A 105 -0.41 -3.03 -23.30
C TRP A 105 0.87 -3.41 -24.04
N VAL A 106 1.58 -4.42 -23.54
CA VAL A 106 2.78 -4.87 -24.22
C VAL A 106 2.45 -5.30 -25.66
N ARG A 107 1.32 -5.97 -25.81
CA ARG A 107 0.88 -6.37 -27.15
C ARG A 107 0.76 -5.13 -28.04
N GLU A 108 0.11 -4.10 -27.51
CA GLU A 108 -0.03 -2.84 -28.26
C GLU A 108 1.33 -2.24 -28.54
N TYR A 109 2.19 -2.29 -27.54
CA TYR A 109 3.55 -1.79 -27.70
C TYR A 109 4.26 -2.52 -28.82
N THR A 110 4.01 -3.82 -28.91
CA THR A 110 4.58 -4.67 -29.96
C THR A 110 4.15 -4.24 -31.36
N LYS A 111 2.87 -3.87 -31.50
CA LYS A 111 2.36 -3.46 -32.81
C LYS A 111 2.79 -2.04 -33.17
N TYR A 112 2.84 -1.17 -32.17
CA TYR A 112 3.31 0.20 -32.38
C TYR A 112 4.77 0.24 -32.83
N HIS A 113 5.60 -0.60 -32.24
CA HIS A 113 7.01 -0.67 -32.63
C HIS A 113 7.29 -1.83 -33.57
N GLU A 114 6.30 -2.19 -34.39
CA GLU A 114 6.43 -3.30 -35.33
C GLU A 114 7.75 -3.25 -36.11
N ARG A 115 8.14 -2.04 -36.52
CA ARG A 115 9.32 -1.86 -37.35
C ARG A 115 10.61 -2.37 -36.72
N LEU A 116 10.80 -2.08 -35.43
CA LEU A 116 12.04 -2.45 -34.74
C LEU A 116 12.03 -3.90 -34.23
N LEU A 117 10.87 -4.52 -34.24
CA LEU A 117 10.71 -5.86 -33.65
C LEU A 117 10.53 -6.95 -34.69
N THR A 118 10.65 -6.56 -35.96
CA THR A 118 10.44 -7.47 -37.10
C THR A 118 11.22 -8.78 -36.97
N GLY A 119 12.45 -8.70 -36.46
CA GLY A 119 13.27 -9.89 -36.31
C GLY A 119 12.72 -10.85 -35.27
N LEU A 120 11.94 -10.32 -34.33
CA LEU A 120 11.35 -11.13 -33.27
C LEU A 120 10.08 -11.83 -33.75
N LYS A 121 9.45 -11.27 -34.78
CA LYS A 121 8.21 -11.84 -35.28
C LYS A 121 8.39 -13.31 -35.66
N GLY A 122 7.52 -14.16 -35.14
CA GLY A 122 7.55 -15.58 -35.45
C GLY A 122 8.88 -16.25 -35.12
N SER A 123 9.67 -15.63 -34.26
CA SER A 123 10.94 -16.23 -33.83
C SER A 123 10.68 -17.43 -32.93
N LYS A 124 11.44 -18.50 -33.15
CA LYS A 124 11.23 -19.74 -32.41
C LYS A 124 11.80 -19.70 -31.00
N ARG A 125 12.64 -18.69 -30.74
CA ARG A 125 13.27 -18.58 -29.43
C ARG A 125 12.38 -17.89 -28.39
N LEU A 126 11.35 -17.18 -28.85
CA LEU A 126 10.41 -16.56 -27.92
C LEU A 126 9.34 -17.57 -27.54
N VAL A 127 9.38 -18.02 -26.30
CA VAL A 127 8.38 -18.94 -25.78
C VAL A 127 7.45 -18.24 -24.78
N PHE A 128 6.26 -17.87 -25.23
CA PHE A 128 5.26 -17.27 -24.35
C PHE A 128 4.70 -18.34 -23.43
N ILE A 129 4.83 -18.13 -22.13
CA ILE A 129 4.38 -19.11 -21.15
C ILE A 129 2.89 -19.00 -20.84
N ASP A 130 2.13 -19.98 -21.33
CA ASP A 130 0.67 -20.03 -21.22
C ASP A 130 0.14 -19.79 -19.81
N CYS A 131 0.80 -20.38 -18.83
CA CYS A 131 0.38 -20.26 -17.44
C CYS A 131 1.55 -20.65 -16.54
N PRO A 132 1.48 -20.34 -15.24
CA PRO A 132 2.66 -20.53 -14.40
C PRO A 132 3.16 -21.97 -14.36
N GLY A 133 2.34 -22.91 -14.82
CA GLY A 133 2.68 -24.31 -14.76
C GLY A 133 3.57 -24.79 -15.89
N LYS A 134 3.47 -24.13 -17.04
CA LYS A 134 4.20 -24.55 -18.23
C LYS A 134 5.66 -24.12 -18.21
N LEU A 135 6.04 -23.32 -17.22
CA LEU A 135 7.42 -22.89 -17.09
C LEU A 135 8.30 -24.05 -16.67
N ALA A 136 7.68 -25.13 -16.22
CA ALA A 136 8.40 -26.31 -15.76
C ALA A 136 8.81 -27.20 -16.93
N GLU A 137 8.12 -27.05 -18.05
CA GLU A 137 8.48 -27.79 -19.26
C GLU A 137 9.83 -27.32 -19.79
N HIS A 138 10.39 -26.32 -19.12
CA HIS A 138 11.67 -25.74 -19.53
C HIS A 138 12.59 -25.50 -18.33
N ILE A 139 12.01 -25.39 -17.14
CA ILE A 139 12.78 -25.15 -15.93
C ILE A 139 12.20 -25.97 -14.80
N GLU A 140 13.04 -26.76 -14.14
CA GLU A 140 12.63 -27.53 -12.97
C GLU A 140 11.90 -26.58 -12.02
N HIS A 141 10.86 -27.08 -11.36
CA HIS A 141 10.11 -26.27 -10.41
C HIS A 141 11.05 -25.60 -9.41
N GLU A 142 11.83 -26.41 -8.71
CA GLU A 142 12.77 -25.91 -7.71
C GLU A 142 13.80 -24.96 -8.31
N GLN A 143 13.77 -24.80 -9.63
CA GLN A 143 14.73 -23.96 -10.31
C GLN A 143 14.15 -22.59 -10.62
N GLN A 144 12.82 -22.52 -10.66
CA GLN A 144 12.10 -21.29 -11.04
C GLN A 144 12.27 -20.17 -10.00
N LYS A 145 12.70 -18.99 -10.46
CA LYS A 145 12.96 -17.86 -9.56
C LYS A 145 12.26 -16.56 -9.96
N LEU A 146 10.99 -16.63 -10.32
CA LEU A 146 10.23 -15.42 -10.57
C LEU A 146 10.20 -14.60 -9.28
N PRO A 147 10.10 -13.26 -9.39
CA PRO A 147 9.97 -12.44 -8.19
C PRO A 147 8.82 -12.91 -7.30
N ALA A 148 9.00 -12.84 -5.99
CA ALA A 148 7.97 -13.30 -5.07
C ALA A 148 6.65 -12.57 -5.31
N ALA A 149 6.73 -11.30 -5.69
CA ALA A 149 5.54 -10.50 -5.95
C ALA A 149 4.74 -11.03 -7.14
N THR A 150 5.43 -11.65 -8.10
CA THR A 150 4.75 -12.29 -9.21
C THR A 150 4.05 -13.57 -8.77
N LEU A 151 4.72 -14.37 -7.95
CA LEU A 151 4.18 -15.64 -7.49
C LEU A 151 2.97 -15.44 -6.57
N ALA A 152 2.94 -14.31 -5.88
CA ALA A 152 1.85 -14.01 -4.96
C ALA A 152 0.52 -13.89 -5.68
N LEU A 153 0.58 -13.45 -6.94
CA LEU A 153 -0.63 -13.23 -7.74
C LEU A 153 -1.31 -14.54 -8.12
N GLU A 154 -0.62 -15.65 -7.91
CA GLU A 154 -1.10 -16.94 -8.38
C GLU A 154 -1.89 -17.76 -7.35
N GLU A 155 -2.05 -17.23 -6.14
CA GLU A 155 -2.64 -18.02 -5.05
C GLU A 155 -4.02 -17.56 -4.61
N ASP A 156 -4.84 -18.52 -4.18
CA ASP A 156 -6.18 -18.26 -3.66
C ASP A 156 -6.98 -17.33 -4.57
N LEU A 157 -7.13 -17.73 -5.82
CA LEU A 157 -7.86 -16.95 -6.80
C LEU A 157 -9.33 -17.37 -6.90
N LYS A 158 -10.23 -16.40 -6.93
CA LYS A 158 -11.61 -16.68 -7.29
C LYS A 158 -11.76 -16.45 -8.79
N VAL A 159 -12.13 -17.49 -9.52
CA VAL A 159 -12.10 -17.42 -10.98
C VAL A 159 -13.50 -17.40 -11.58
N PHE A 160 -13.75 -16.39 -12.41
CA PHE A 160 -15.00 -16.30 -13.15
C PHE A 160 -14.70 -16.55 -14.62
N HIS A 161 -15.19 -17.67 -15.14
CA HIS A 161 -14.91 -18.07 -16.52
C HIS A 161 -15.92 -17.48 -17.51
N ASN A 162 -15.52 -17.42 -18.77
CA ASN A 162 -16.43 -17.08 -19.85
C ASN A 162 -17.09 -15.71 -19.74
N ALA A 163 -16.37 -14.74 -19.18
CA ALA A 163 -16.84 -13.37 -19.19
C ALA A 163 -16.59 -12.81 -20.57
N LEU A 164 -17.18 -11.66 -20.85
CA LEU A 164 -16.99 -11.00 -22.12
C LEU A 164 -16.51 -9.57 -21.93
N LYS A 165 -15.32 -9.28 -22.44
CA LYS A 165 -14.77 -7.94 -22.41
C LYS A 165 -15.38 -7.15 -23.56
N LEU A 166 -16.13 -6.11 -23.24
CA LEU A 166 -16.80 -5.33 -24.28
C LEU A 166 -15.91 -4.23 -24.85
N ALA A 167 -15.77 -4.25 -26.17
CA ALA A 167 -14.94 -3.30 -26.90
C ALA A 167 -15.44 -3.32 -28.34
N HIS A 168 -14.78 -2.61 -29.25
CA HIS A 168 -15.23 -2.64 -30.64
C HIS A 168 -15.55 -4.07 -31.02
N LYS A 169 -14.63 -4.97 -30.72
CA LYS A 169 -14.88 -6.40 -30.83
C LYS A 169 -14.84 -7.03 -29.43
N ASP A 170 -15.93 -7.70 -29.05
CA ASP A 170 -16.01 -8.35 -27.75
C ASP A 170 -15.06 -9.54 -27.70
N THR A 171 -14.38 -9.70 -26.58
CA THR A 171 -13.39 -10.76 -26.42
C THR A 171 -13.69 -11.64 -25.22
N LYS A 172 -13.48 -12.95 -25.39
CA LYS A 172 -13.74 -13.91 -24.32
C LYS A 172 -12.61 -13.90 -23.29
N VAL A 173 -12.97 -13.66 -22.03
CA VAL A 173 -11.95 -13.58 -20.98
C VAL A 173 -12.32 -14.34 -19.72
N SER A 174 -11.31 -14.58 -18.89
CA SER A 174 -11.51 -15.05 -17.54
C SER A 174 -11.22 -13.89 -16.59
N ILE A 175 -12.07 -13.73 -15.59
CA ILE A 175 -11.85 -12.71 -14.57
C ILE A 175 -11.49 -13.39 -13.25
N LYS A 176 -10.28 -13.14 -12.79
CA LYS A 176 -9.79 -13.78 -11.58
C LYS A 176 -9.58 -12.73 -10.49
N VAL A 177 -10.13 -13.00 -9.31
CA VAL A 177 -10.02 -12.08 -8.19
C VAL A 177 -9.13 -12.67 -7.09
N GLY A 178 -7.99 -12.02 -6.85
CA GLY A 178 -7.11 -12.41 -5.77
C GLY A 178 -7.15 -11.35 -4.69
N SER A 179 -6.45 -11.61 -3.58
CA SER A 179 -6.54 -10.72 -2.43
C SER A 179 -5.99 -9.32 -2.68
N THR A 180 -5.10 -9.17 -3.65
CA THR A 180 -4.49 -7.87 -3.92
C THR A 180 -4.74 -7.36 -5.34
N ALA A 181 -5.37 -8.15 -6.19
CA ALA A 181 -5.52 -7.73 -7.58
C ALA A 181 -6.59 -8.47 -8.35
N VAL A 182 -6.99 -7.88 -9.47
CA VAL A 182 -7.82 -8.54 -10.46
C VAL A 182 -6.95 -8.88 -11.67
N GLN A 183 -7.08 -10.10 -12.17
CA GLN A 183 -6.37 -10.49 -13.38
C GLN A 183 -7.39 -10.85 -14.45
N VAL A 184 -7.26 -10.22 -15.61
CA VAL A 184 -8.16 -10.50 -16.72
C VAL A 184 -7.38 -11.23 -17.80
N THR A 185 -7.64 -12.53 -17.93
CA THR A 185 -6.89 -13.36 -18.86
C THR A 185 -7.66 -13.59 -20.14
N SER A 186 -7.00 -13.35 -21.27
CA SER A 186 -7.65 -13.43 -22.57
C SER A 186 -7.27 -14.71 -23.33
N ALA A 187 -8.13 -15.11 -24.25
CA ALA A 187 -7.83 -16.24 -25.12
C ALA A 187 -6.83 -15.80 -26.17
N GLU A 188 -6.35 -16.76 -26.97
CA GLU A 188 -5.27 -16.53 -27.90
C GLU A 188 -5.35 -15.21 -28.67
N ARG A 189 -4.37 -14.35 -28.45
CA ARG A 189 -4.26 -13.08 -29.14
C ARG A 189 -2.89 -13.08 -29.80
N THR A 190 -2.75 -12.35 -30.89
CA THR A 190 -1.49 -12.35 -31.61
C THR A 190 -0.50 -11.34 -31.05
N VAL A 191 0.68 -11.84 -30.70
CA VAL A 191 1.80 -11.01 -30.29
C VAL A 191 3.02 -11.46 -31.06
N LEU A 192 3.64 -10.56 -31.81
CA LEU A 192 4.85 -10.88 -32.55
C LEU A 192 4.72 -12.20 -33.32
N GLY A 193 3.61 -12.37 -34.02
CA GLY A 193 3.44 -13.53 -34.89
C GLY A 193 2.96 -14.81 -34.24
N GLN A 194 2.83 -14.82 -32.90
CA GLN A 194 2.37 -16.02 -32.21
C GLN A 194 1.02 -15.82 -31.52
N SER A 195 0.31 -16.91 -31.29
CA SER A 195 -0.94 -16.89 -30.53
C SER A 195 -0.60 -17.07 -29.05
N VAL A 196 -1.04 -16.12 -28.22
CA VAL A 196 -0.67 -16.15 -26.81
C VAL A 196 -1.80 -15.71 -25.89
N PHE A 197 -1.81 -16.27 -24.68
CA PHE A 197 -2.73 -15.84 -23.64
C PHE A 197 -2.19 -14.59 -22.97
N LEU A 198 -3.00 -13.55 -22.92
CA LEU A 198 -2.59 -12.32 -22.27
C LEU A 198 -3.14 -12.28 -20.85
N ASN A 199 -2.42 -11.60 -19.95
CA ASN A 199 -2.87 -11.46 -18.57
C ASN A 199 -2.76 -10.02 -18.06
N ASP A 200 -3.87 -9.30 -18.12
CA ASP A 200 -3.90 -7.92 -17.68
C ASP A 200 -4.15 -7.87 -16.18
N ILE A 201 -3.28 -7.16 -15.47
CA ILE A 201 -3.33 -7.16 -14.02
C ILE A 201 -3.68 -5.79 -13.46
N TYR A 202 -4.69 -5.75 -12.60
CA TYR A 202 -5.16 -4.52 -12.00
C TYR A 202 -5.13 -4.67 -10.49
N TYR A 203 -4.15 -4.05 -9.86
CA TYR A 203 -4.05 -4.08 -8.41
C TYR A 203 -5.21 -3.34 -7.76
N ALA A 204 -5.60 -3.81 -6.58
CA ALA A 204 -6.68 -3.18 -5.83
C ALA A 204 -6.44 -1.68 -5.75
N SER A 205 -5.17 -1.30 -5.58
CA SER A 205 -4.81 0.09 -5.38
C SER A 205 -5.10 1.00 -6.58
N GLU A 206 -5.26 0.41 -7.75
CA GLU A 206 -5.50 1.20 -8.96
C GLU A 206 -6.94 1.10 -9.45
N ILE A 207 -7.76 0.36 -8.72
CA ILE A 207 -9.17 0.24 -9.05
C ILE A 207 -9.95 1.40 -8.41
N GLU A 208 -10.13 2.46 -9.19
CA GLU A 208 -10.69 3.71 -8.67
C GLU A 208 -12.20 3.65 -8.48
N GLU A 209 -12.88 2.98 -9.40
CA GLU A 209 -14.32 2.81 -9.28
C GLU A 209 -14.78 1.49 -9.86
N ILE A 210 -15.85 0.96 -9.29
CA ILE A 210 -16.46 -0.27 -9.73
C ILE A 210 -17.94 0.03 -9.78
N CYS A 211 -18.57 -0.25 -10.91
CA CYS A 211 -19.99 0.04 -11.06
C CYS A 211 -20.76 -1.09 -11.73
N LEU A 212 -21.79 -1.57 -11.04
CA LEU A 212 -22.68 -2.56 -11.60
C LEU A 212 -23.70 -1.86 -12.49
N VAL A 213 -23.72 -2.21 -13.78
CA VAL A 213 -24.67 -1.63 -14.71
C VAL A 213 -25.95 -2.46 -14.74
N ASP A 214 -25.85 -3.67 -15.27
CA ASP A 214 -26.96 -4.61 -15.27
C ASP A 214 -26.67 -5.73 -14.28
N GLU A 215 -27.58 -6.69 -14.21
CA GLU A 215 -27.33 -7.91 -13.48
C GLU A 215 -26.32 -8.74 -14.28
N ASN A 216 -25.98 -8.27 -15.48
CA ASN A 216 -25.09 -8.99 -16.37
C ASN A 216 -23.85 -8.19 -16.80
N GLN A 217 -23.70 -6.98 -16.28
CA GLN A 217 -22.64 -6.10 -16.77
C GLN A 217 -22.12 -5.13 -15.71
N PHE A 218 -20.80 -4.94 -15.69
CA PHE A 218 -20.19 -4.00 -14.75
C PHE A 218 -18.98 -3.31 -15.37
N THR A 219 -18.57 -2.19 -14.78
CA THR A 219 -17.38 -1.49 -15.25
C THR A 219 -16.33 -1.33 -14.17
N LEU A 220 -15.07 -1.34 -14.58
CA LEU A 220 -13.97 -0.99 -13.69
C LEU A 220 -13.33 0.27 -14.22
N THR A 221 -13.12 1.24 -13.34
CA THR A 221 -12.35 2.42 -13.70
C THR A 221 -10.95 2.26 -13.09
N ILE A 222 -9.94 2.23 -13.95
CA ILE A 222 -8.56 2.00 -13.53
C ILE A 222 -7.78 3.30 -13.53
N ALA A 223 -7.07 3.56 -12.43
CA ALA A 223 -6.31 4.79 -12.29
C ALA A 223 -5.39 5.01 -13.49
N ASN A 224 -5.49 6.19 -14.09
CA ASN A 224 -4.66 6.57 -15.24
C ASN A 224 -4.94 5.82 -16.53
N GLN A 225 -6.16 5.35 -16.74
CA GLN A 225 -6.45 4.64 -17.99
C GLN A 225 -7.66 5.21 -18.72
N GLY A 226 -8.17 6.32 -18.21
CA GLY A 226 -9.21 7.08 -18.86
C GLY A 226 -10.51 6.33 -19.06
N THR A 227 -10.49 5.36 -19.97
CA THR A 227 -11.70 4.64 -20.36
C THR A 227 -11.92 3.39 -19.53
N PRO A 228 -13.06 3.34 -18.83
CA PRO A 228 -13.44 2.20 -17.99
C PRO A 228 -13.46 0.91 -18.81
N LEU A 229 -13.08 -0.20 -18.18
CA LEU A 229 -13.25 -1.50 -18.80
C LEU A 229 -14.68 -1.95 -18.53
N THR A 230 -15.29 -2.59 -19.50
CA THR A 230 -16.67 -3.06 -19.37
C THR A 230 -16.73 -4.56 -19.58
N PHE A 231 -17.32 -5.26 -18.62
CA PHE A 231 -17.45 -6.71 -18.76
C PHE A 231 -18.89 -7.18 -18.68
N MET A 232 -19.13 -8.33 -19.28
CA MET A 232 -20.43 -8.94 -19.27
C MET A 232 -20.26 -10.36 -18.77
N HIS A 233 -21.12 -10.75 -17.84
CA HIS A 233 -21.08 -12.07 -17.24
C HIS A 233 -22.36 -12.22 -16.43
N GLN A 234 -22.87 -13.45 -16.36
CA GLN A 234 -24.12 -13.70 -15.68
C GLN A 234 -24.01 -13.58 -14.17
N GLU A 235 -22.78 -13.57 -13.67
CA GLU A 235 -22.55 -13.52 -12.22
C GLU A 235 -21.93 -12.20 -11.78
N CYS A 236 -22.20 -11.15 -12.55
CA CYS A 236 -21.65 -9.82 -12.28
C CYS A 236 -21.85 -9.36 -10.84
N GLU A 237 -23.03 -9.60 -10.29
CA GLU A 237 -23.31 -9.23 -8.91
C GLU A 237 -22.16 -9.71 -8.02
N ALA A 238 -21.79 -10.98 -8.19
CA ALA A 238 -20.79 -11.60 -7.33
C ALA A 238 -19.38 -11.14 -7.68
N ILE A 239 -19.10 -10.94 -8.96
CA ILE A 239 -17.79 -10.44 -9.36
C ILE A 239 -17.54 -9.08 -8.72
N VAL A 240 -18.52 -8.20 -8.87
CA VAL A 240 -18.43 -6.84 -8.32
C VAL A 240 -18.25 -6.89 -6.80
N GLN A 241 -18.99 -7.76 -6.13
CA GLN A 241 -18.91 -7.87 -4.66
C GLN A 241 -17.52 -8.26 -4.22
N SER A 242 -16.88 -9.18 -4.95
CA SER A 242 -15.56 -9.66 -4.55
C SER A 242 -14.47 -8.63 -4.85
N ILE A 243 -14.69 -7.79 -5.86
CA ILE A 243 -13.73 -6.75 -6.20
C ILE A 243 -13.85 -5.56 -5.24
N ILE A 244 -15.08 -5.21 -4.89
CA ILE A 244 -15.29 -4.21 -3.84
C ILE A 244 -14.60 -4.66 -2.56
N HIS A 245 -14.75 -5.93 -2.23
CA HIS A 245 -14.13 -6.50 -1.03
C HIS A 245 -12.62 -6.32 -1.05
N ILE A 246 -12.02 -6.51 -2.21
CA ILE A 246 -10.58 -6.41 -2.36
C ILE A 246 -10.09 -4.96 -2.33
N ARG A 247 -10.88 -4.07 -2.91
CA ARG A 247 -10.57 -2.65 -2.94
C ARG A 247 -10.69 -2.09 -1.52
N THR A 248 -11.74 -2.53 -0.82
CA THR A 248 -11.96 -2.09 0.55
C THR A 248 -10.82 -2.55 1.46
N ARG A 249 -10.43 -3.81 1.30
CA ARG A 249 -9.30 -4.34 2.08
C ARG A 249 -8.08 -3.46 1.87
N TRP A 250 -7.77 -3.13 0.61
CA TRP A 250 -6.65 -2.24 0.32
C TRP A 250 -6.81 -0.89 1.02
N GLU A 251 -8.02 -0.34 0.97
CA GLU A 251 -8.29 0.97 1.57
C GLU A 251 -8.08 0.95 3.08
N LEU A 252 -8.73 0.03 3.77
CA LEU A 252 -8.61 -0.06 5.21
C LEU A 252 -7.16 -0.16 5.68
N SER A 253 -6.28 -0.64 4.81
CA SER A 253 -4.90 -0.89 5.18
C SER A 253 -3.98 0.31 4.97
N GLN A 254 -4.47 1.36 4.31
CA GLN A 254 -3.60 2.49 4.05
C GLN A 254 -3.30 3.34 5.29
N PRO A 255 -2.03 3.74 5.44
CA PRO A 255 -1.63 4.57 6.57
C PRO A 255 -2.33 5.91 6.48
N ASP A 256 -3.48 6.03 7.14
CA ASP A 256 -4.19 7.30 7.26
C ASP A 256 -5.09 7.55 6.05
N LYS B 1 -11.45 28.65 -2.48
CA LYS B 1 -12.78 28.10 -2.27
C LYS B 1 -13.05 26.93 -3.20
N GLU B 2 -12.09 26.02 -3.27
CA GLU B 2 -12.26 24.77 -4.01
C GLU B 2 -11.44 23.70 -3.30
N GLU B 3 -10.35 24.14 -2.69
CA GLU B 3 -9.54 23.26 -1.85
C GLU B 3 -10.27 23.04 -0.54
N PHE B 4 -11.12 24.00 -0.17
CA PHE B 4 -11.96 23.87 0.99
C PHE B 4 -12.90 22.69 0.82
N LYS B 5 -13.50 22.60 -0.38
CA LYS B 5 -14.42 21.50 -0.70
C LYS B 5 -13.76 20.14 -0.51
N ALA B 6 -12.46 20.09 -0.73
CA ALA B 6 -11.72 18.85 -0.57
C ALA B 6 -11.76 18.34 0.87
N LEU B 7 -11.90 19.26 1.82
CA LEU B 7 -11.89 18.91 3.24
C LEU B 7 -13.07 18.04 3.64
N LYS B 8 -14.24 18.29 3.03
CA LYS B 8 -15.41 17.48 3.33
C LYS B 8 -15.19 16.04 2.84
N THR B 9 -14.58 15.91 1.68
CA THR B 9 -14.29 14.61 1.10
C THR B 9 -13.26 13.86 1.93
N LEU B 10 -12.35 14.62 2.53
CA LEU B 10 -11.26 14.07 3.32
C LEU B 10 -11.75 13.41 4.61
N SER B 11 -12.87 13.92 5.12
CA SER B 11 -13.39 13.46 6.40
C SER B 11 -12.39 13.67 7.52
N ILE B 12 -11.84 14.88 7.63
CA ILE B 12 -11.02 15.29 8.75
C ILE B 12 -11.93 15.61 9.91
N PHE B 13 -13.07 16.22 9.61
CA PHE B 13 -13.99 16.64 10.64
C PHE B 13 -15.44 16.49 10.20
N TYR B 14 -16.17 15.60 10.88
CA TYR B 14 -17.54 15.32 10.50
C TYR B 14 -18.42 15.09 11.73
N GLN B 15 -19.71 15.37 11.56
CA GLN B 15 -20.71 15.09 12.57
C GLN B 15 -21.24 13.68 12.33
N ALA B 16 -21.32 12.88 13.39
CA ALA B 16 -21.97 11.59 13.28
C ALA B 16 -22.36 11.07 14.64
N GLY B 17 -23.65 10.81 14.83
CA GLY B 17 -24.13 10.16 16.03
C GLY B 17 -24.51 11.10 17.15
N THR B 18 -25.12 10.52 18.18
CA THR B 18 -25.56 11.24 19.35
C THR B 18 -25.12 10.47 20.59
N SER B 19 -24.56 11.18 21.56
CA SER B 19 -24.07 10.53 22.77
C SER B 19 -25.22 10.08 23.67
N LYS B 20 -24.90 9.21 24.63
CA LYS B 20 -25.91 8.73 25.57
C LYS B 20 -26.51 9.86 26.38
N ALA B 21 -25.73 10.93 26.55
CA ALA B 21 -26.20 12.11 27.28
C ALA B 21 -27.06 13.01 26.40
N GLY B 22 -27.28 12.60 25.15
CA GLY B 22 -28.18 13.29 24.25
C GLY B 22 -27.55 14.37 23.38
N ASN B 23 -26.22 14.36 23.27
CA ASN B 23 -25.50 15.40 22.52
C ASN B 23 -24.90 14.92 21.19
N PRO B 24 -25.02 15.74 20.16
CA PRO B 24 -24.44 15.46 18.84
C PRO B 24 -22.93 15.30 18.95
N ILE B 25 -22.38 14.35 18.21
CA ILE B 25 -20.95 14.06 18.28
C ILE B 25 -20.23 14.48 16.99
N PHE B 26 -19.01 14.99 17.15
CA PHE B 26 -18.18 15.33 15.99
C PHE B 26 -16.85 14.57 16.09
N TYR B 27 -16.34 14.14 14.93
CA TYR B 27 -15.07 13.42 14.90
C TYR B 27 -13.99 14.28 14.27
N TYR B 28 -12.86 14.39 14.95
CA TYR B 28 -11.67 14.99 14.35
C TYR B 28 -10.64 13.89 14.12
N VAL B 29 -10.29 13.67 12.87
CA VAL B 29 -9.31 12.67 12.51
C VAL B 29 -7.94 13.30 12.29
N ALA B 30 -7.12 13.29 13.33
CA ALA B 30 -5.89 14.09 13.35
C ALA B 30 -4.89 13.75 12.24
N ARG B 31 -4.79 12.48 11.87
CA ARG B 31 -3.77 12.07 10.91
C ARG B 31 -4.07 12.54 9.48
N ARG B 32 -5.24 13.13 9.29
CA ARG B 32 -5.63 13.58 7.97
C ARG B 32 -5.25 15.03 7.70
N PHE B 33 -4.81 15.73 8.73
CA PHE B 33 -4.26 17.06 8.54
C PHE B 33 -2.77 16.93 8.29
N LYS B 34 -2.32 17.37 7.13
CA LYS B 34 -0.89 17.37 6.83
C LYS B 34 -0.35 18.80 6.89
N THR B 35 0.40 19.08 7.96
CA THR B 35 0.92 20.42 8.22
C THR B 35 1.49 21.07 6.96
N GLY B 36 2.27 20.32 6.20
CA GLY B 36 2.79 20.84 4.96
C GLY B 36 1.73 21.53 4.11
N GLN B 37 0.79 20.73 3.58
CA GLN B 37 -0.30 21.27 2.78
C GLN B 37 -1.48 21.67 3.65
N ILE B 38 -2.64 21.78 3.04
CA ILE B 38 -3.86 22.20 3.74
C ILE B 38 -3.65 23.50 4.50
N ASN B 39 -4.03 24.60 3.86
CA ASN B 39 -4.07 25.89 4.52
C ASN B 39 -4.83 25.78 5.84
N GLY B 40 -4.14 26.07 6.95
CA GLY B 40 -4.73 25.95 8.27
C GLY B 40 -6.04 26.71 8.43
N ASP B 41 -6.08 27.93 7.90
CA ASP B 41 -7.28 28.74 7.99
C ASP B 41 -8.49 28.03 7.37
N LEU B 42 -8.26 27.33 6.27
CA LEU B 42 -9.32 26.57 5.63
C LEU B 42 -9.85 25.44 6.52
N LEU B 43 -8.94 24.78 7.24
CA LEU B 43 -9.33 23.72 8.17
C LEU B 43 -10.19 24.31 9.29
N ILE B 44 -9.70 25.39 9.89
CA ILE B 44 -10.45 26.09 10.92
C ILE B 44 -11.84 26.49 10.43
N TYR B 45 -11.89 27.05 9.23
CA TYR B 45 -13.15 27.52 8.67
C TYR B 45 -14.10 26.35 8.38
N HIS B 46 -13.55 25.21 7.97
CA HIS B 46 -14.35 24.02 7.74
C HIS B 46 -14.94 23.54 9.08
N VAL B 47 -14.11 23.53 10.11
CA VAL B 47 -14.54 23.09 11.42
C VAL B 47 -15.56 24.05 12.00
N LEU B 48 -15.34 25.34 11.78
CA LEU B 48 -16.26 26.37 12.28
C LEU B 48 -17.63 26.25 11.64
N LEU B 49 -17.67 26.08 10.32
CA LEU B 49 -18.94 25.95 9.62
C LEU B 49 -19.67 24.66 10.00
N THR B 50 -18.92 23.59 10.27
CA THR B 50 -19.52 22.32 10.68
C THR B 50 -20.15 22.45 12.05
N LEU B 51 -19.50 23.21 12.94
CA LEU B 51 -19.97 23.38 14.31
C LEU B 51 -21.03 24.48 14.45
N LYS B 52 -20.96 25.48 13.58
CA LYS B 52 -21.82 26.66 13.65
C LYS B 52 -23.26 26.34 14.06
N PRO B 53 -23.95 25.48 13.29
CA PRO B 53 -25.36 25.19 13.60
C PRO B 53 -25.57 24.53 14.97
N TYR B 54 -24.53 23.94 15.53
CA TYR B 54 -24.65 23.12 16.74
C TYR B 54 -24.13 23.77 18.01
N TYR B 55 -23.12 24.64 17.89
CA TYR B 55 -22.32 24.98 19.05
C TYR B 55 -22.93 25.97 20.06
N ALA B 56 -24.19 26.33 19.84
CA ALA B 56 -24.92 27.13 20.82
C ALA B 56 -25.68 26.22 21.78
N LYS B 57 -25.53 24.91 21.57
CA LYS B 57 -26.11 23.89 22.44
C LYS B 57 -25.05 22.85 22.72
N PRO B 58 -25.26 21.99 23.72
CA PRO B 58 -24.18 21.06 24.06
C PRO B 58 -23.82 20.13 22.91
N TYR B 59 -22.54 19.86 22.76
CA TYR B 59 -22.07 18.90 21.77
C TYR B 59 -20.80 18.23 22.27
N GLU B 60 -20.39 17.16 21.59
CA GLU B 60 -19.24 16.38 22.03
C GLU B 60 -18.27 16.10 20.88
N ILE B 61 -17.00 15.94 21.22
CA ILE B 61 -15.99 15.70 20.20
C ILE B 61 -15.17 14.45 20.48
N VAL B 62 -14.99 13.64 19.44
CA VAL B 62 -14.08 12.52 19.48
C VAL B 62 -12.83 12.90 18.70
N VAL B 63 -11.70 12.92 19.37
CA VAL B 63 -10.44 13.21 18.69
C VAL B 63 -9.73 11.89 18.43
N ASP B 64 -9.68 11.49 17.16
CA ASP B 64 -9.04 10.25 16.78
C ASP B 64 -7.57 10.55 16.52
N LEU B 65 -6.73 10.18 17.47
CA LEU B 65 -5.30 10.49 17.38
C LEU B 65 -4.48 9.34 16.80
N THR B 66 -5.12 8.28 16.30
CA THR B 66 -4.31 7.16 15.83
C THR B 66 -3.28 7.62 14.80
N HIS B 67 -2.05 7.15 14.99
CA HIS B 67 -0.96 7.39 14.07
C HIS B 67 -0.60 8.87 13.86
N THR B 68 -1.02 9.72 14.80
CA THR B 68 -0.73 11.15 14.69
C THR B 68 0.74 11.43 15.01
N GLY B 69 1.42 12.14 14.12
CA GLY B 69 2.82 12.46 14.29
C GLY B 69 3.18 13.90 13.94
N PRO B 70 4.49 14.18 13.83
CA PRO B 70 5.01 15.53 13.52
C PRO B 70 4.35 16.10 12.26
N SER B 71 4.16 15.24 11.27
CA SER B 71 3.60 15.67 9.99
C SER B 71 2.12 16.06 10.10
N ASN B 72 1.54 15.86 11.28
CA ASN B 72 0.13 16.19 11.52
C ASN B 72 -0.03 17.33 12.52
N ARG B 73 1.08 17.86 13.01
CA ARG B 73 1.03 18.82 14.11
C ARG B 73 0.37 20.14 13.72
N PHE B 74 -0.17 20.82 14.72
CA PHE B 74 -0.57 22.21 14.57
C PHE B 74 0.62 23.05 15.00
N LYS B 75 1.10 23.90 14.10
CA LYS B 75 2.21 24.79 14.44
C LYS B 75 1.78 25.76 15.54
N THR B 76 2.77 26.28 16.27
CA THR B 76 2.52 27.13 17.43
C THR B 76 1.46 28.22 17.24
N ASP B 77 1.60 29.04 16.20
CA ASP B 77 0.68 30.15 15.97
C ASP B 77 -0.71 29.67 15.56
N PHE B 78 -0.74 28.55 14.85
CA PHE B 78 -2.00 27.96 14.39
C PHE B 78 -2.74 27.34 15.57
N LEU B 79 -2.01 26.65 16.43
CA LEU B 79 -2.59 26.07 17.65
C LEU B 79 -3.26 27.15 18.49
N SER B 80 -2.65 28.33 18.51
CA SER B 80 -3.18 29.47 19.26
C SER B 80 -4.51 29.93 18.71
N LYS B 81 -4.64 29.94 17.38
CA LYS B 81 -5.88 30.36 16.74
C LYS B 81 -7.10 29.60 17.25
N TRP B 82 -6.95 28.31 17.45
CA TRP B 82 -8.06 27.46 17.88
C TRP B 82 -8.67 27.93 19.19
N PHE B 83 -7.87 28.60 20.01
CA PHE B 83 -8.34 29.07 21.30
C PHE B 83 -9.02 30.43 21.23
N VAL B 84 -9.03 31.04 20.05
CA VAL B 84 -9.56 32.41 19.93
C VAL B 84 -10.66 32.62 18.87
N VAL B 85 -10.75 31.73 17.87
CA VAL B 85 -11.66 31.98 16.75
C VAL B 85 -13.09 31.44 16.91
N PHE B 86 -13.41 30.90 18.08
CA PHE B 86 -14.78 30.45 18.34
C PHE B 86 -15.42 31.33 19.39
N PRO B 87 -16.76 31.47 19.34
CA PRO B 87 -17.40 32.25 20.39
C PRO B 87 -17.15 31.59 21.74
N GLY B 88 -17.03 32.40 22.79
CA GLY B 88 -16.77 31.86 24.12
C GLY B 88 -17.70 30.72 24.47
N PHE B 89 -18.97 30.84 24.10
CA PHE B 89 -19.96 29.82 24.46
C PHE B 89 -19.76 28.51 23.71
N ALA B 90 -19.16 28.58 22.52
CA ALA B 90 -18.86 27.37 21.76
C ALA B 90 -17.88 26.47 22.51
N TYR B 91 -16.94 27.08 23.20
CA TYR B 91 -16.00 26.33 24.02
C TYR B 91 -16.72 25.73 25.22
N ASP B 92 -17.53 26.55 25.88
CA ASP B 92 -18.28 26.13 27.08
C ASP B 92 -19.24 24.96 26.82
N ASN B 93 -19.78 24.93 25.62
CA ASN B 93 -20.83 23.95 25.29
C ASN B 93 -20.31 22.56 24.94
N VAL B 94 -18.99 22.40 24.85
CA VAL B 94 -18.41 21.08 24.68
C VAL B 94 -18.56 20.31 25.99
N SER B 95 -19.46 19.35 26.00
CA SER B 95 -19.71 18.57 27.20
C SER B 95 -18.64 17.51 27.46
N ALA B 96 -18.01 17.03 26.39
CA ALA B 96 -17.00 15.98 26.53
C ALA B 96 -16.07 15.88 25.33
N VAL B 97 -14.82 15.52 25.59
CA VAL B 97 -13.87 15.23 24.53
C VAL B 97 -13.29 13.84 24.75
N TYR B 98 -13.62 12.93 23.86
CA TYR B 98 -13.08 11.59 23.89
C TYR B 98 -11.82 11.53 23.05
N ILE B 99 -10.70 11.26 23.72
CA ILE B 99 -9.42 11.21 23.04
C ILE B 99 -9.06 9.75 22.79
N TYR B 100 -8.93 9.40 21.51
CA TYR B 100 -8.74 8.01 21.11
C TYR B 100 -7.35 7.78 20.51
N ASN B 101 -6.68 6.73 20.98
CA ASN B 101 -5.35 6.37 20.49
C ASN B 101 -4.30 7.47 20.65
N CYS B 102 -4.35 8.17 21.77
CA CYS B 102 -3.26 9.08 22.09
C CYS B 102 -1.95 8.28 22.08
N ASN B 103 -0.85 8.92 21.70
CA ASN B 103 0.42 8.23 21.60
C ASN B 103 1.59 9.05 22.15
N SER B 104 2.79 8.50 22.02
CA SER B 104 3.97 9.14 22.59
C SER B 104 4.31 10.48 21.95
N TRP B 105 4.15 10.59 20.63
CA TRP B 105 4.46 11.87 19.99
C TRP B 105 3.51 12.97 20.46
N VAL B 106 2.21 12.67 20.50
CA VAL B 106 1.23 13.65 20.94
C VAL B 106 1.49 14.05 22.39
N ARG B 107 1.88 13.08 23.21
CA ARG B 107 2.18 13.36 24.60
C ARG B 107 3.29 14.42 24.69
N GLU B 108 4.37 14.21 23.95
CA GLU B 108 5.50 15.15 23.96
C GLU B 108 5.04 16.51 23.42
N TYR B 109 4.24 16.48 22.37
CA TYR B 109 3.65 17.69 21.81
C TYR B 109 2.88 18.47 22.90
N THR B 110 2.13 17.77 23.73
CA THR B 110 1.36 18.44 24.78
C THR B 110 2.28 19.00 25.88
N LYS B 111 3.41 18.35 26.11
CA LYS B 111 4.38 18.86 27.06
C LYS B 111 5.07 20.12 26.50
N TYR B 112 5.53 20.02 25.27
CA TYR B 112 6.16 21.15 24.59
C TYR B 112 5.23 22.36 24.52
N HIS B 113 3.93 22.13 24.35
CA HIS B 113 2.98 23.23 24.24
C HIS B 113 2.14 23.41 25.50
N GLU B 114 2.69 22.96 26.63
CA GLU B 114 1.96 22.98 27.90
C GLU B 114 1.37 24.35 28.25
N ARG B 115 2.14 25.42 28.04
CA ARG B 115 1.67 26.78 28.32
C ARG B 115 0.34 27.09 27.66
N LEU B 116 0.14 26.59 26.44
CA LEU B 116 -1.04 26.91 25.66
C LEU B 116 -2.22 25.99 25.98
N LEU B 117 -1.95 24.91 26.69
CA LEU B 117 -2.97 23.88 26.92
C LEU B 117 -3.43 23.83 28.37
N THR B 118 -3.31 24.96 29.07
CA THR B 118 -3.65 25.03 30.48
C THR B 118 -5.12 24.67 30.77
N GLY B 119 -6.03 25.18 29.95
CA GLY B 119 -7.44 24.90 30.13
C GLY B 119 -7.77 23.43 29.97
N LEU B 120 -6.88 22.68 29.31
CA LEU B 120 -7.11 21.26 29.05
C LEU B 120 -6.59 20.35 30.17
N LYS B 121 -5.73 20.88 31.02
CA LYS B 121 -5.06 20.07 32.04
C LYS B 121 -5.98 19.67 33.20
N GLY B 122 -6.06 18.37 33.47
CA GLY B 122 -6.84 17.86 34.57
C GLY B 122 -8.34 18.10 34.40
N SER B 123 -8.76 18.28 33.16
CA SER B 123 -10.15 18.61 32.87
C SER B 123 -11.03 17.35 32.89
N LYS B 124 -12.16 17.44 33.60
CA LYS B 124 -13.09 16.33 33.66
C LYS B 124 -13.80 16.12 32.32
N ARG B 125 -13.64 17.09 31.42
CA ARG B 125 -14.23 16.99 30.08
C ARG B 125 -13.43 16.05 29.18
N LEU B 126 -12.11 16.02 29.35
CA LEU B 126 -11.27 15.17 28.50
C LEU B 126 -11.33 13.74 29.00
N VAL B 127 -11.84 12.85 28.16
CA VAL B 127 -11.89 11.44 28.50
C VAL B 127 -10.99 10.67 27.53
N PHE B 128 -9.86 10.19 28.05
CA PHE B 128 -8.97 9.35 27.25
C PHE B 128 -9.54 7.95 27.18
N ILE B 129 -9.91 7.56 25.96
CA ILE B 129 -10.45 6.24 25.71
C ILE B 129 -9.30 5.28 25.48
N ASP B 130 -8.98 4.50 26.50
CA ASP B 130 -7.84 3.62 26.39
C ASP B 130 -8.29 2.21 25.98
N CYS B 131 -9.45 2.17 25.31
CA CYS B 131 -9.95 0.99 24.61
C CYS B 131 -11.13 1.38 23.70
N PRO B 132 -11.19 0.82 22.49
CA PRO B 132 -12.21 1.16 21.49
C PRO B 132 -13.64 0.88 21.95
N GLY B 133 -13.79 -0.17 22.74
CA GLY B 133 -15.09 -0.57 23.26
C GLY B 133 -15.55 0.41 24.32
N LYS B 134 -14.60 0.90 25.11
CA LYS B 134 -14.89 1.84 26.19
C LYS B 134 -15.59 3.10 25.68
N LEU B 135 -15.50 3.34 24.38
CA LEU B 135 -16.18 4.47 23.79
C LEU B 135 -17.69 4.28 24.00
N ALA B 136 -18.07 3.03 24.26
CA ALA B 136 -19.49 2.63 24.31
C ALA B 136 -20.16 3.03 25.61
N GLU B 137 -19.39 3.04 26.70
CA GLU B 137 -19.90 3.54 27.96
C GLU B 137 -20.44 4.97 27.77
N HIS B 138 -20.24 5.51 26.57
CA HIS B 138 -20.58 6.89 26.27
C HIS B 138 -21.43 7.03 25.00
N ILE B 139 -21.15 6.19 24.01
CA ILE B 139 -21.91 6.18 22.78
C ILE B 139 -22.24 4.73 22.46
N GLU B 140 -23.52 4.40 22.27
CA GLU B 140 -23.86 3.05 21.89
C GLU B 140 -23.11 2.71 20.59
N HIS B 141 -22.60 1.50 20.49
CA HIS B 141 -21.74 1.14 19.38
C HIS B 141 -22.28 1.60 18.03
N GLU B 142 -23.51 1.23 17.72
CA GLU B 142 -24.10 1.53 16.43
C GLU B 142 -24.32 3.04 16.23
N GLN B 143 -23.93 3.83 17.21
CA GLN B 143 -23.90 5.28 17.07
C GLN B 143 -22.47 5.75 16.83
N GLN B 144 -21.52 4.84 17.01
CA GLN B 144 -20.08 5.11 16.84
C GLN B 144 -19.68 5.22 15.39
N LYS B 145 -18.73 6.09 15.10
CA LYS B 145 -18.30 6.29 13.71
C LYS B 145 -16.85 6.71 13.54
N LEU B 146 -15.93 6.02 14.23
CA LEU B 146 -14.51 6.19 13.97
C LEU B 146 -14.26 5.80 12.51
N PRO B 147 -13.19 6.34 11.90
CA PRO B 147 -12.85 5.95 10.53
C PRO B 147 -12.69 4.43 10.42
N ALA B 148 -13.13 3.86 9.30
CA ALA B 148 -13.04 2.43 9.09
C ALA B 148 -11.58 1.97 9.20
N ALA B 149 -10.67 2.79 8.69
CA ALA B 149 -9.24 2.47 8.74
C ALA B 149 -8.72 2.44 10.18
N THR B 150 -9.35 3.20 11.07
CA THR B 150 -8.99 3.16 12.48
C THR B 150 -9.43 1.84 13.12
N LEU B 151 -10.67 1.46 12.85
CA LEU B 151 -11.24 0.22 13.36
C LEU B 151 -10.50 -1.01 12.82
N ALA B 152 -9.98 -0.91 11.61
CA ALA B 152 -9.28 -2.04 10.99
C ALA B 152 -8.04 -2.44 11.78
N LEU B 153 -7.46 -1.47 12.49
CA LEU B 153 -6.26 -1.72 13.30
C LEU B 153 -6.53 -2.62 14.51
N GLU B 154 -7.80 -2.90 14.78
CA GLU B 154 -8.16 -3.75 15.92
C GLU B 154 -8.39 -5.20 15.48
N GLU B 155 -8.42 -5.42 14.18
CA GLU B 155 -8.74 -6.75 13.64
C GLU B 155 -7.65 -7.77 13.91
N ASP B 156 -8.06 -8.90 14.48
CA ASP B 156 -7.21 -10.07 14.65
C ASP B 156 -5.74 -9.74 14.89
N LEU B 157 -5.45 -9.30 16.10
CA LEU B 157 -4.09 -8.98 16.50
C LEU B 157 -3.44 -10.16 17.20
N LYS B 158 -2.12 -10.29 17.06
CA LYS B 158 -1.36 -11.20 17.89
C LYS B 158 -0.75 -10.35 18.99
N VAL B 159 -1.11 -10.63 20.24
CA VAL B 159 -0.73 -9.76 21.35
C VAL B 159 0.34 -10.37 22.25
N PHE B 160 1.42 -9.61 22.45
CA PHE B 160 2.51 -10.04 23.30
C PHE B 160 2.59 -9.16 24.54
N HIS B 161 2.08 -9.69 25.65
CA HIS B 161 2.04 -8.96 26.91
C HIS B 161 3.38 -9.01 27.62
N ASN B 162 3.60 -8.07 28.53
CA ASN B 162 4.77 -8.07 29.39
C ASN B 162 6.09 -7.96 28.64
N ALA B 163 6.11 -7.12 27.62
CA ALA B 163 7.37 -6.79 26.97
C ALA B 163 7.99 -5.62 27.70
N LEU B 164 9.28 -5.43 27.50
CA LEU B 164 9.98 -4.32 28.13
C LEU B 164 10.59 -3.46 27.04
N LYS B 165 10.17 -2.20 26.96
CA LYS B 165 10.80 -1.28 26.02
C LYS B 165 12.04 -0.68 26.66
N LEU B 166 13.18 -0.90 26.02
CA LEU B 166 14.45 -0.40 26.55
C LEU B 166 14.75 0.99 26.01
N ALA B 167 15.05 1.91 26.92
CA ALA B 167 15.36 3.28 26.58
C ALA B 167 16.01 3.92 27.79
N HIS B 168 15.98 5.25 27.87
CA HIS B 168 16.55 5.94 29.03
C HIS B 168 15.91 5.39 30.29
N LYS B 169 14.59 5.29 30.28
CA LYS B 169 13.85 4.56 31.30
C LYS B 169 13.17 3.36 30.64
N ASP B 170 13.40 2.18 31.20
CA ASP B 170 12.74 0.97 30.69
C ASP B 170 11.28 1.01 31.10
N THR B 171 10.40 0.68 30.18
CA THR B 171 8.97 0.68 30.48
C THR B 171 8.27 -0.57 29.96
N LYS B 172 7.26 -1.01 30.71
CA LYS B 172 6.48 -2.18 30.34
C LYS B 172 5.47 -1.84 29.24
N VAL B 173 5.49 -2.61 28.15
CA VAL B 173 4.58 -2.38 27.04
C VAL B 173 3.94 -3.67 26.61
N SER B 174 2.89 -3.55 25.81
CA SER B 174 2.36 -4.68 25.05
C SER B 174 2.67 -4.47 23.59
N ILE B 175 3.05 -5.54 22.91
CA ILE B 175 3.32 -5.44 21.47
C ILE B 175 2.25 -6.21 20.72
N LYS B 176 1.55 -5.52 19.83
CA LYS B 176 0.48 -6.13 19.08
C LYS B 176 0.84 -6.14 17.61
N VAL B 177 0.81 -7.31 16.99
CA VAL B 177 1.05 -7.42 15.56
C VAL B 177 -0.23 -7.76 14.85
N GLY B 178 -0.69 -6.84 14.01
CA GLY B 178 -1.81 -7.07 13.14
C GLY B 178 -1.33 -7.14 11.70
N SER B 179 -2.24 -7.44 10.77
CA SER B 179 -1.86 -7.67 9.39
C SER B 179 -1.12 -6.50 8.73
N THR B 180 -1.36 -5.29 9.20
CA THR B 180 -0.82 -4.10 8.53
C THR B 180 0.09 -3.23 9.41
N ALA B 181 0.18 -3.54 10.69
CA ALA B 181 0.91 -2.65 11.59
C ALA B 181 1.35 -3.32 12.88
N VAL B 182 2.31 -2.70 13.54
CA VAL B 182 2.69 -3.06 14.90
C VAL B 182 2.19 -1.96 15.82
N GLN B 183 1.55 -2.35 16.91
CA GLN B 183 1.10 -1.38 17.91
C GLN B 183 1.81 -1.63 19.23
N VAL B 184 2.44 -0.59 19.76
CA VAL B 184 3.07 -0.70 21.07
C VAL B 184 2.26 0.10 22.09
N THR B 185 1.60 -0.62 22.98
CA THR B 185 0.76 -0.03 24.01
C THR B 185 1.53 0.15 25.31
N SER B 186 1.56 1.37 25.83
CA SER B 186 2.31 1.63 27.05
C SER B 186 1.39 1.67 28.27
N ALA B 187 1.98 1.45 29.44
CA ALA B 187 1.25 1.53 30.69
C ALA B 187 1.04 2.97 31.10
N GLU B 188 0.12 3.18 32.04
CA GLU B 188 -0.21 4.51 32.55
C GLU B 188 0.87 5.57 32.35
N ARG B 189 0.62 6.49 31.43
CA ARG B 189 1.51 7.62 31.20
C ARG B 189 0.75 8.92 31.37
N THR B 190 1.43 9.96 31.84
CA THR B 190 0.80 11.24 32.12
C THR B 190 0.65 12.09 30.86
N VAL B 191 -0.59 12.48 30.56
CA VAL B 191 -0.88 13.38 29.46
C VAL B 191 -1.91 14.39 29.96
N LEU B 192 -1.52 15.66 29.92
CA LEU B 192 -2.43 16.73 30.31
C LEU B 192 -3.05 16.49 31.69
N GLY B 193 -2.25 16.00 32.62
CA GLY B 193 -2.70 15.84 33.99
C GLY B 193 -3.47 14.57 34.27
N GLN B 194 -3.50 13.65 33.31
CA GLN B 194 -4.19 12.38 33.50
C GLN B 194 -3.26 11.20 33.22
N SER B 195 -3.51 10.08 33.88
CA SER B 195 -2.79 8.84 33.61
C SER B 195 -3.53 8.06 32.54
N VAL B 196 -2.89 7.86 31.38
CA VAL B 196 -3.55 7.27 30.24
C VAL B 196 -2.68 6.23 29.52
N PHE B 197 -3.32 5.36 28.76
CA PHE B 197 -2.58 4.38 27.97
C PHE B 197 -2.24 4.95 26.59
N LEU B 198 -0.98 4.86 26.22
CA LEU B 198 -0.54 5.32 24.92
C LEU B 198 -0.47 4.16 23.94
N ASN B 199 -0.77 4.44 22.68
CA ASN B 199 -0.73 3.43 21.64
C ASN B 199 0.08 3.92 20.45
N ASP B 200 1.36 3.55 20.42
CA ASP B 200 2.23 3.94 19.31
C ASP B 200 2.11 2.97 18.14
N ILE B 201 1.78 3.51 16.97
CA ILE B 201 1.43 2.69 15.84
C ILE B 201 2.47 2.80 14.72
N TYR B 202 2.96 1.65 14.26
CA TYR B 202 3.96 1.63 13.20
C TYR B 202 3.48 0.75 12.06
N TYR B 203 3.03 1.38 10.99
CA TYR B 203 2.63 0.63 9.81
C TYR B 203 3.81 -0.11 9.21
N ALA B 204 3.53 -1.27 8.60
CA ALA B 204 4.58 -2.07 8.00
C ALA B 204 5.40 -1.22 7.02
N SER B 205 4.72 -0.29 6.35
CA SER B 205 5.38 0.60 5.39
C SER B 205 6.46 1.48 6.04
N GLU B 206 6.36 1.66 7.36
CA GLU B 206 7.30 2.51 8.09
C GLU B 206 8.48 1.72 8.63
N ILE B 207 8.40 0.41 8.55
CA ILE B 207 9.40 -0.43 9.22
C ILE B 207 10.58 -0.69 8.31
N GLU B 208 11.68 0.00 8.59
CA GLU B 208 12.85 -0.04 7.72
C GLU B 208 13.77 -1.22 8.04
N GLU B 209 13.77 -1.67 9.28
CA GLU B 209 14.59 -2.82 9.65
C GLU B 209 14.04 -3.59 10.84
N ILE B 210 14.18 -4.91 10.78
CA ILE B 210 13.81 -5.79 11.87
C ILE B 210 15.02 -6.64 12.26
N CYS B 211 15.47 -6.53 13.50
CA CYS B 211 16.61 -7.29 13.97
C CYS B 211 16.24 -8.21 15.12
N LEU B 212 16.68 -9.47 15.06
CA LEU B 212 16.53 -10.38 16.18
C LEU B 212 17.86 -10.51 16.91
N VAL B 213 17.90 -10.09 18.17
CA VAL B 213 19.15 -10.12 18.91
C VAL B 213 19.41 -11.45 19.62
N ASP B 214 18.71 -11.73 20.72
CA ASP B 214 18.98 -12.98 21.44
C ASP B 214 17.77 -13.62 22.12
N GLU B 215 16.85 -14.15 21.29
CA GLU B 215 15.71 -14.93 21.77
C GLU B 215 14.75 -14.15 22.68
N ASN B 216 15.29 -13.23 23.46
CA ASN B 216 14.47 -12.38 24.31
C ASN B 216 14.65 -10.88 24.01
N GLN B 217 15.21 -10.57 22.86
CA GLN B 217 15.40 -9.18 22.46
C GLN B 217 15.34 -8.97 20.95
N PHE B 218 14.68 -7.90 20.53
CA PHE B 218 14.66 -7.51 19.12
C PHE B 218 14.58 -6.00 18.97
N THR B 219 14.85 -5.50 17.78
CA THR B 219 14.79 -4.07 17.51
C THR B 219 13.99 -3.75 16.26
N LEU B 220 13.50 -2.52 16.20
CA LEU B 220 12.75 -2.01 15.07
C LEU B 220 13.32 -0.65 14.68
N THR B 221 13.63 -0.47 13.40
CA THR B 221 14.00 0.85 12.91
C THR B 221 12.81 1.43 12.16
N ILE B 222 12.36 2.59 12.60
CA ILE B 222 11.17 3.22 12.05
C ILE B 222 11.55 4.40 11.16
N ALA B 223 10.96 4.46 9.97
CA ALA B 223 11.24 5.55 9.04
C ALA B 223 11.19 6.89 9.77
N ASN B 224 12.13 7.77 9.41
CA ASN B 224 12.17 9.13 9.95
C ASN B 224 12.47 9.19 11.44
N GLN B 225 12.79 8.04 12.03
CA GLN B 225 13.23 8.01 13.42
C GLN B 225 14.66 7.49 13.48
N GLY B 226 15.58 8.33 13.94
CA GLY B 226 16.97 7.97 14.00
C GLY B 226 17.22 6.75 14.86
N THR B 227 16.74 6.81 16.09
CA THR B 227 16.98 5.74 17.07
C THR B 227 16.08 4.53 16.83
N PRO B 228 16.65 3.32 16.94
CA PRO B 228 15.84 2.11 16.82
C PRO B 228 15.11 1.79 18.12
N LEU B 229 13.87 1.32 18.01
CA LEU B 229 13.14 0.79 19.14
C LEU B 229 13.74 -0.55 19.51
N THR B 230 14.06 -0.77 20.78
CA THR B 230 14.55 -2.07 21.20
C THR B 230 13.68 -2.62 22.32
N PHE B 231 13.26 -3.87 22.19
CA PHE B 231 12.36 -4.48 23.15
C PHE B 231 12.91 -5.80 23.68
N MET B 232 12.53 -6.14 24.90
CA MET B 232 12.80 -7.47 25.45
C MET B 232 11.48 -8.19 25.70
N HIS B 233 11.45 -9.48 25.38
CA HIS B 233 10.28 -10.32 25.63
C HIS B 233 10.69 -11.77 25.53
N GLN B 234 10.03 -12.65 26.27
CA GLN B 234 10.37 -14.07 26.27
C GLN B 234 10.25 -14.68 24.86
N GLU B 235 9.37 -14.12 24.04
CA GLU B 235 9.03 -14.71 22.74
C GLU B 235 9.47 -13.89 21.52
N CYS B 236 10.64 -13.26 21.60
CA CYS B 236 11.09 -12.37 20.52
C CYS B 236 11.15 -13.02 19.15
N GLU B 237 11.63 -14.25 19.08
CA GLU B 237 11.68 -14.98 17.81
C GLU B 237 10.31 -14.98 17.16
N ALA B 238 9.29 -15.30 17.94
CA ALA B 238 7.92 -15.30 17.44
C ALA B 238 7.42 -13.91 17.03
N ILE B 239 7.84 -12.89 17.77
CA ILE B 239 7.45 -11.51 17.48
C ILE B 239 8.08 -11.03 16.17
N VAL B 240 9.37 -11.31 16.02
CA VAL B 240 10.10 -10.91 14.81
C VAL B 240 9.55 -11.65 13.60
N GLN B 241 9.22 -12.92 13.80
CA GLN B 241 8.62 -13.74 12.75
C GLN B 241 7.33 -13.08 12.26
N SER B 242 6.55 -12.57 13.21
CA SER B 242 5.27 -11.93 12.90
C SER B 242 5.45 -10.63 12.14
N ILE B 243 6.43 -9.83 12.54
CA ILE B 243 6.65 -8.54 11.92
C ILE B 243 7.25 -8.72 10.53
N ILE B 244 8.09 -9.74 10.38
CA ILE B 244 8.65 -10.06 9.07
C ILE B 244 7.54 -10.44 8.09
N HIS B 245 6.69 -11.38 8.49
CA HIS B 245 5.54 -11.79 7.68
C HIS B 245 4.70 -10.58 7.29
N ILE B 246 4.46 -9.71 8.25
CA ILE B 246 3.65 -8.53 8.05
C ILE B 246 4.28 -7.56 7.04
N ARG B 247 5.57 -7.30 7.18
CA ARG B 247 6.23 -6.39 6.25
C ARG B 247 6.37 -7.02 4.87
N THR B 248 6.52 -8.34 4.82
CA THR B 248 6.63 -9.03 3.54
C THR B 248 5.32 -8.99 2.76
N ARG B 249 4.21 -9.24 3.44
CA ARG B 249 2.90 -9.19 2.81
C ARG B 249 2.71 -7.81 2.20
N TRP B 250 3.09 -6.79 2.95
CA TRP B 250 2.96 -5.41 2.47
C TRP B 250 3.78 -5.15 1.21
N GLU B 251 5.05 -5.53 1.24
CA GLU B 251 5.95 -5.33 0.10
C GLU B 251 5.43 -5.95 -1.18
N LEU B 252 4.98 -7.20 -1.08
CA LEU B 252 4.55 -7.96 -2.25
C LEU B 252 3.45 -7.25 -3.04
N SER B 253 2.58 -6.54 -2.33
CA SER B 253 1.42 -5.92 -2.95
C SER B 253 1.58 -4.42 -3.12
N GLN B 254 2.82 -3.94 -3.07
CA GLN B 254 3.08 -2.52 -3.21
C GLN B 254 3.13 -2.09 -4.67
N PRO B 255 3.00 -0.78 -4.93
CA PRO B 255 3.05 -0.26 -6.30
C PRO B 255 4.44 -0.35 -6.91
N ASP B 256 4.52 -0.85 -8.14
CA ASP B 256 5.76 -0.87 -8.89
C ASP B 256 5.79 0.30 -9.86
#